data_5APH
#
_entry.id   5APH
#
_cell.length_a   61.850
_cell.length_b   61.850
_cell.length_c   159.000
_cell.angle_alpha   90.00
_cell.angle_beta   90.00
_cell.angle_gamma   90.00
#
_symmetry.space_group_name_H-M   'P 41 21 2'
#
loop_
_entity.id
_entity.type
_entity.pdbx_description
1 polymer 'NUCLEAR RECEPTOR ROR-GAMMA'
2 polymer 'NUCLEAR RECEPTOR COACTIVATOR 2'
3 non-polymer N-(2-FLUOROPHENYL)-4-[(4-FLUOROPHENYL)SULFONYL]-2,3,4,5-TETRAHYDRO-1,4-BENZOXAZEPIN-6-AMINE
4 non-polymer 'DIMETHYL SULFOXIDE'
5 water water
#
loop_
_entity_poly.entity_id
_entity_poly.type
_entity_poly.pdbx_seq_one_letter_code
_entity_poly.pdbx_strand_id
1 'polypeptide(L)'
;HNHNHNHNHNHNGGENLYFQGASLTEIEHLVQSVCKSYRETCQLRLEDLLRQRSNIFSREEVTGYQRKSMWEMWERCAHH
LTEAIQYVVEFAKRLSGFMELCQNDQIVLLKAGAMEVVLVRMCRAYNADNRTVFFEGKYGGMELFRALGCSELISSIFDF
SHSLSALHFSEDEIALYTALVLINAHRPGLQEKRKVEQLQYNLELAFHHHLCKTHRQSILAKLPPKGKLRSLCSQHVERL
QIFQHLHPIVVQAAFPPLYKELFSGG
;
A
2 'polypeptide(L)' KHKILHRLLQDS C
#
# COMPACT_ATOMS: atom_id res chain seq x y z
N GLU A 15 -3.12 -21.66 -15.87
CA GLU A 15 -3.78 -20.49 -16.44
C GLU A 15 -2.78 -19.39 -16.80
N ASN A 16 -1.50 -19.53 -16.36
CA ASN A 16 -0.47 -18.52 -16.61
C ASN A 16 0.90 -19.18 -16.55
N LEU A 17 1.85 -18.67 -17.36
CA LEU A 17 3.23 -19.18 -17.42
C LEU A 17 3.87 -19.17 -16.02
N TYR A 18 3.58 -18.12 -15.25
CA TYR A 18 4.21 -17.93 -13.94
C TYR A 18 3.57 -18.78 -12.82
N PHE A 19 2.60 -19.65 -13.14
CA PHE A 19 2.07 -20.63 -12.18
C PHE A 19 2.91 -21.92 -12.22
N GLN A 20 3.96 -21.94 -13.06
CA GLN A 20 4.91 -23.05 -13.20
C GLN A 20 6.34 -22.47 -13.12
N GLY A 21 7.35 -23.32 -13.17
CA GLY A 21 8.74 -22.88 -13.16
C GLY A 21 9.06 -22.03 -14.37
N ALA A 22 9.66 -20.84 -14.16
CA ALA A 22 10.00 -19.92 -15.24
C ALA A 22 11.50 -19.92 -15.44
N SER A 23 11.93 -19.84 -16.71
CA SER A 23 13.33 -19.76 -17.10
C SER A 23 13.87 -18.35 -16.80
N LEU A 24 15.21 -18.19 -16.90
CA LEU A 24 15.82 -16.89 -16.71
C LEU A 24 15.21 -15.86 -17.65
N THR A 25 15.05 -16.21 -18.96
CA THR A 25 14.49 -15.24 -19.89
C THR A 25 13.06 -14.84 -19.50
N GLU A 26 12.26 -15.80 -19.00
CA GLU A 26 10.89 -15.50 -18.52
C GLU A 26 10.92 -14.63 -17.26
N ILE A 27 11.93 -14.84 -16.39
CA ILE A 27 12.06 -13.99 -15.18
C ILE A 27 12.42 -12.56 -15.60
N GLU A 28 13.32 -12.39 -16.61
CA GLU A 28 13.69 -11.06 -17.10
C GLU A 28 12.44 -10.33 -17.61
N HIS A 29 11.56 -11.07 -18.34
N HIS A 29 11.56 -11.02 -18.37
CA HIS A 29 10.30 -10.57 -18.89
CA HIS A 29 10.37 -10.32 -18.82
C HIS A 29 9.35 -10.16 -17.76
C HIS A 29 9.53 -9.95 -17.61
N LEU A 30 9.41 -10.88 -16.63
CA LEU A 30 8.59 -10.60 -15.45
C LEU A 30 9.03 -9.33 -14.75
N VAL A 31 10.35 -9.08 -14.66
CA VAL A 31 10.84 -7.84 -14.06
C VAL A 31 10.25 -6.68 -14.85
N GLN A 32 10.39 -6.73 -16.18
CA GLN A 32 9.90 -5.62 -17.00
C GLN A 32 8.37 -5.38 -16.87
N SER A 33 7.60 -6.46 -16.84
CA SER A 33 6.13 -6.45 -16.74
C SER A 33 5.70 -5.85 -15.41
N VAL A 34 6.42 -6.23 -14.32
CA VAL A 34 6.06 -5.71 -13.00
C VAL A 34 6.37 -4.24 -12.90
N CYS A 35 7.56 -3.82 -13.37
CA CYS A 35 7.92 -2.41 -13.35
C CYS A 35 6.96 -1.56 -14.18
N LYS A 36 6.44 -2.14 -15.29
CA LYS A 36 5.49 -1.46 -16.18
C LYS A 36 4.15 -1.28 -15.45
N SER A 37 3.66 -2.37 -14.83
CA SER A 37 2.40 -2.38 -14.08
C SER A 37 2.43 -1.33 -12.97
N TYR A 38 3.55 -1.26 -12.24
CA TYR A 38 3.72 -0.27 -11.18
C TYR A 38 3.73 1.16 -11.76
N ARG A 39 4.58 1.41 -12.78
CA ARG A 39 4.71 2.75 -13.39
C ARG A 39 3.34 3.33 -13.81
N GLU A 40 2.48 2.48 -14.39
CA GLU A 40 1.16 2.85 -14.89
C GLU A 40 0.09 3.00 -13.81
N THR A 41 0.40 2.62 -12.55
CA THR A 41 -0.61 2.68 -11.47
C THR A 41 -0.07 3.32 -10.17
N CYS A 42 1.02 4.09 -10.23
CA CYS A 42 1.72 4.55 -9.01
C CYS A 42 1.02 5.70 -8.21
N GLN A 43 -0.13 6.22 -8.74
CA GLN A 43 -1.00 7.27 -8.16
C GLN A 43 -0.39 8.68 -8.25
N LEU A 44 0.80 8.84 -7.67
CA LEU A 44 1.52 10.09 -7.70
C LEU A 44 2.87 9.91 -8.37
N ARG A 45 3.29 10.90 -9.18
CA ARG A 45 4.59 10.83 -9.87
C ARG A 45 5.72 11.15 -8.90
N LEU A 46 6.82 10.37 -8.90
CA LEU A 46 7.97 10.61 -8.02
C LEU A 46 8.52 12.03 -8.25
N GLU A 47 8.61 12.46 -9.54
CA GLU A 47 9.08 13.81 -9.89
C GLU A 47 8.25 14.89 -9.21
N ASP A 48 6.90 14.72 -9.15
CA ASP A 48 5.97 15.64 -8.48
C ASP A 48 6.22 15.66 -6.98
N LEU A 49 6.31 14.46 -6.37
CA LEU A 49 6.55 14.39 -4.94
C LEU A 49 7.85 15.07 -4.54
N LEU A 50 8.94 14.87 -5.32
CA LEU A 50 10.20 15.50 -4.94
C LEU A 50 10.19 17.02 -5.12
N ARG A 51 9.60 17.49 -6.21
CA ARG A 51 9.47 18.91 -6.55
C ARG A 51 8.68 19.66 -5.45
N GLN A 52 7.63 19.01 -4.91
CA GLN A 52 6.77 19.64 -3.91
C GLN A 52 7.34 19.67 -2.48
N ARG A 53 8.54 19.11 -2.24
CA ARG A 53 9.14 19.05 -0.89
C ARG A 53 9.30 20.41 -0.21
N SER A 54 9.53 21.47 -0.99
CA SER A 54 9.71 22.82 -0.46
C SER A 54 8.37 23.47 -0.08
N ASN A 55 7.24 22.87 -0.52
CA ASN A 55 5.89 23.34 -0.26
C ASN A 55 5.36 22.71 1.03
N ILE A 56 5.58 23.41 2.15
CA ILE A 56 5.27 22.94 3.49
C ILE A 56 4.16 23.75 4.13
N PHE A 57 3.25 23.05 4.83
CA PHE A 57 2.18 23.74 5.54
C PHE A 57 2.77 24.70 6.57
N SER A 58 2.17 25.91 6.65
CA SER A 58 2.56 26.92 7.60
C SER A 58 2.03 26.54 8.99
N ARG A 59 2.54 27.22 10.03
CA ARG A 59 2.05 27.02 11.39
C ARG A 59 0.53 27.25 11.44
N GLU A 60 0.03 28.28 10.72
CA GLU A 60 -1.41 28.59 10.62
C GLU A 60 -2.19 27.39 10.04
N GLU A 61 -1.67 26.82 8.94
CA GLU A 61 -2.31 25.68 8.27
C GLU A 61 -2.32 24.44 9.15
N VAL A 62 -1.20 24.17 9.86
CA VAL A 62 -1.14 23.03 10.79
C VAL A 62 -2.21 23.19 11.87
N THR A 63 -2.28 24.40 12.48
CA THR A 63 -3.28 24.71 13.48
C THR A 63 -4.71 24.46 12.95
N GLY A 64 -4.99 24.86 11.71
CA GLY A 64 -6.28 24.62 11.07
C GLY A 64 -6.63 23.14 11.02
N TYR A 65 -5.64 22.26 10.65
CA TYR A 65 -5.92 20.83 10.65
C TYR A 65 -6.14 20.31 12.06
N GLN A 66 -5.39 20.85 13.03
CA GLN A 66 -5.55 20.41 14.42
C GLN A 66 -6.90 20.80 14.99
N ARG A 67 -7.49 21.89 14.47
CA ARG A 67 -8.78 22.39 14.95
C ARG A 67 -9.98 21.65 14.34
N LYS A 68 -9.74 20.82 13.30
CA LYS A 68 -10.79 20.04 12.68
C LYS A 68 -11.30 19.00 13.71
N SER A 69 -12.56 18.62 13.58
CA SER A 69 -13.07 17.61 14.49
C SER A 69 -12.42 16.24 14.22
N MET A 70 -12.45 15.37 15.23
CA MET A 70 -11.90 14.02 15.07
C MET A 70 -12.61 13.28 13.92
N TRP A 71 -13.94 13.40 13.82
CA TRP A 71 -14.66 12.70 12.78
C TRP A 71 -14.35 13.24 11.39
N GLU A 72 -14.23 14.57 11.27
CA GLU A 72 -13.91 15.21 9.97
C GLU A 72 -12.51 14.71 9.50
N MET A 73 -11.55 14.63 10.43
CA MET A 73 -10.22 14.19 10.04
C MET A 73 -10.20 12.73 9.69
N TRP A 74 -10.95 11.91 10.43
CA TRP A 74 -11.03 10.47 10.09
C TRP A 74 -11.65 10.26 8.72
N GLU A 75 -12.74 11.00 8.42
CA GLU A 75 -13.37 10.86 7.10
C GLU A 75 -12.39 11.21 5.98
N ARG A 76 -11.65 12.34 6.15
CA ARG A 76 -10.68 12.78 5.14
C ARG A 76 -9.60 11.73 4.95
N CYS A 77 -9.04 11.19 6.06
CA CYS A 77 -7.97 10.21 5.93
C CYS A 77 -8.47 8.87 5.35
N ALA A 78 -9.69 8.46 5.70
CA ALA A 78 -10.32 7.24 5.12
C ALA A 78 -10.47 7.41 3.58
N HIS A 79 -10.91 8.59 3.12
N HIS A 79 -10.93 8.60 3.13
CA HIS A 79 -11.02 8.80 1.69
CA HIS A 79 -11.05 8.93 1.72
C HIS A 79 -9.66 8.83 0.99
C HIS A 79 -9.67 8.83 1.03
N HIS A 80 -8.63 9.45 1.61
CA HIS A 80 -7.27 9.44 1.02
C HIS A 80 -6.74 8.00 0.94
N LEU A 81 -6.98 7.19 2.01
CA LEU A 81 -6.55 5.78 1.96
C LEU A 81 -7.28 5.01 0.85
N THR A 82 -8.62 5.21 0.71
CA THR A 82 -9.41 4.53 -0.33
C THR A 82 -8.89 4.89 -1.72
N GLU A 83 -8.57 6.19 -1.97
CA GLU A 83 -8.04 6.62 -3.28
C GLU A 83 -6.72 5.84 -3.54
N ALA A 84 -5.81 5.79 -2.53
CA ALA A 84 -4.57 5.04 -2.69
C ALA A 84 -4.81 3.56 -3.00
N ILE A 85 -5.73 2.93 -2.26
CA ILE A 85 -6.09 1.51 -2.45
C ILE A 85 -6.64 1.25 -3.84
N GLN A 86 -7.44 2.19 -4.41
CA GLN A 86 -7.96 2.00 -5.76
C GLN A 86 -6.80 1.82 -6.79
N TYR A 87 -5.69 2.55 -6.63
CA TYR A 87 -4.52 2.41 -7.50
C TYR A 87 -3.85 1.06 -7.27
N VAL A 88 -3.83 0.57 -6.01
CA VAL A 88 -3.26 -0.77 -5.74
C VAL A 88 -4.10 -1.86 -6.38
N VAL A 89 -5.47 -1.72 -6.38
CA VAL A 89 -6.31 -2.71 -7.02
C VAL A 89 -5.97 -2.77 -8.52
N GLU A 90 -5.75 -1.62 -9.16
CA GLU A 90 -5.38 -1.56 -10.57
C GLU A 90 -3.99 -2.17 -10.81
N PHE A 91 -3.04 -1.94 -9.88
CA PHE A 91 -1.70 -2.56 -9.93
C PHE A 91 -1.86 -4.09 -9.93
N ALA A 92 -2.67 -4.62 -8.99
CA ALA A 92 -2.91 -6.05 -8.87
C ALA A 92 -3.47 -6.62 -10.18
N LYS A 93 -4.49 -5.94 -10.77
CA LYS A 93 -5.12 -6.35 -12.00
C LYS A 93 -4.13 -6.47 -13.16
N ARG A 94 -3.07 -5.64 -13.15
CA ARG A 94 -2.04 -5.63 -14.19
C ARG A 94 -0.90 -6.59 -13.96
N LEU A 95 -0.82 -7.13 -12.74
CA LEU A 95 0.25 -8.04 -12.34
C LEU A 95 0.08 -9.38 -13.01
N SER A 96 1.17 -9.90 -13.64
CA SER A 96 1.13 -11.17 -14.34
C SER A 96 0.62 -12.26 -13.41
N GLY A 97 -0.41 -12.96 -13.85
CA GLY A 97 -0.98 -14.08 -13.10
C GLY A 97 -2.13 -13.73 -12.16
N PHE A 98 -2.18 -12.49 -11.67
CA PHE A 98 -3.22 -12.13 -10.70
C PHE A 98 -4.64 -12.34 -11.25
N MET A 99 -4.92 -11.90 -12.49
CA MET A 99 -6.28 -12.08 -13.05
C MET A 99 -6.63 -13.54 -13.37
N GLU A 100 -5.63 -14.44 -13.35
CA GLU A 100 -5.84 -15.86 -13.60
C GLU A 100 -6.13 -16.60 -12.29
N LEU A 101 -5.89 -15.95 -11.12
CA LEU A 101 -6.30 -16.52 -9.85
C LEU A 101 -7.84 -16.45 -9.77
N CYS A 102 -8.45 -17.29 -8.94
CA CYS A 102 -9.90 -17.27 -8.76
C CYS A 102 -10.31 -16.02 -7.99
N GLN A 103 -11.59 -15.55 -8.15
CA GLN A 103 -12.03 -14.34 -7.49
C GLN A 103 -11.88 -14.43 -5.94
N ASN A 104 -12.14 -15.60 -5.33
CA ASN A 104 -11.98 -15.74 -3.89
C ASN A 104 -10.55 -15.32 -3.50
N ASP A 105 -9.55 -15.83 -4.22
CA ASP A 105 -8.14 -15.57 -3.92
C ASP A 105 -7.72 -14.15 -4.22
N GLN A 106 -8.25 -13.56 -5.30
CA GLN A 106 -7.91 -12.17 -5.62
C GLN A 106 -8.38 -11.28 -4.46
N ILE A 107 -9.61 -11.52 -3.97
CA ILE A 107 -10.15 -10.75 -2.85
C ILE A 107 -9.39 -11.03 -1.55
N VAL A 108 -9.04 -12.32 -1.25
CA VAL A 108 -8.21 -12.59 -0.08
C VAL A 108 -6.89 -11.77 -0.13
N LEU A 109 -6.20 -11.85 -1.28
CA LEU A 109 -4.93 -11.14 -1.43
C LEU A 109 -5.03 -9.63 -1.30
N LEU A 110 -6.11 -9.06 -1.88
CA LEU A 110 -6.31 -7.62 -1.78
C LEU A 110 -6.74 -7.19 -0.37
N LYS A 111 -7.62 -7.96 0.25
CA LYS A 111 -8.07 -7.59 1.60
C LYS A 111 -6.91 -7.58 2.60
N ALA A 112 -6.00 -8.55 2.46
CA ALA A 112 -4.84 -8.65 3.35
C ALA A 112 -3.68 -7.72 2.97
N GLY A 113 -3.49 -7.51 1.68
CA GLY A 113 -2.29 -6.84 1.20
C GLY A 113 -2.39 -5.45 0.62
N ALA A 114 -3.60 -4.98 0.24
CA ALA A 114 -3.68 -3.62 -0.34
C ALA A 114 -3.16 -2.54 0.61
N MET A 115 -3.55 -2.61 1.92
CA MET A 115 -3.06 -1.61 2.89
C MET A 115 -1.53 -1.74 3.05
N GLU A 116 -1.02 -2.99 3.02
CA GLU A 116 0.43 -3.17 3.14
C GLU A 116 1.17 -2.49 1.96
N VAL A 117 0.61 -2.61 0.74
CA VAL A 117 1.21 -1.98 -0.45
C VAL A 117 1.17 -0.45 -0.30
N VAL A 118 0.02 0.11 0.15
CA VAL A 118 -0.06 1.56 0.37
C VAL A 118 1.00 2.01 1.39
N LEU A 119 1.16 1.28 2.51
CA LEU A 119 2.18 1.62 3.51
C LEU A 119 3.59 1.65 2.91
N VAL A 120 3.91 0.75 1.96
CA VAL A 120 5.21 0.77 1.32
C VAL A 120 5.28 1.96 0.34
N ARG A 121 4.28 2.11 -0.55
CA ARG A 121 4.25 3.21 -1.55
C ARG A 121 4.39 4.56 -0.90
N MET A 122 3.82 4.72 0.30
CA MET A 122 3.81 6.04 0.92
C MET A 122 5.20 6.55 1.29
N CYS A 123 6.26 5.68 1.31
CA CYS A 123 7.58 6.21 1.62
C CYS A 123 8.02 7.20 0.53
N ARG A 124 7.46 7.09 -0.69
CA ARG A 124 7.81 8.03 -1.80
C ARG A 124 7.34 9.44 -1.45
N ALA A 125 6.26 9.53 -0.68
CA ALA A 125 5.62 10.80 -0.34
C ALA A 125 6.07 11.33 1.01
N TYR A 126 7.06 10.67 1.59
CA TYR A 126 7.60 11.00 2.89
C TYR A 126 8.98 11.60 2.70
N ASN A 127 9.24 12.74 3.33
CA ASN A 127 10.52 13.41 3.23
C ASN A 127 11.26 13.22 4.55
N ALA A 128 12.28 12.35 4.53
CA ALA A 128 13.09 12.00 5.70
C ALA A 128 13.93 13.15 6.27
N ASP A 129 14.25 14.15 5.43
CA ASP A 129 15.01 15.34 5.83
C ASP A 129 14.36 16.16 6.95
N ASN A 130 13.02 16.31 6.90
CA ASN A 130 12.26 17.11 7.87
C ASN A 130 11.07 16.33 8.47
N ARG A 131 10.99 15.02 8.18
CA ARG A 131 9.95 14.12 8.75
C ARG A 131 8.54 14.58 8.39
N THR A 132 8.31 14.87 7.12
CA THR A 132 7.01 15.32 6.65
C THR A 132 6.45 14.39 5.59
N VAL A 133 5.12 14.37 5.43
CA VAL A 133 4.46 13.59 4.40
C VAL A 133 3.63 14.56 3.52
N PHE A 134 3.48 14.22 2.24
CA PHE A 134 2.67 14.95 1.28
C PHE A 134 1.21 14.58 1.55
N PHE A 135 0.45 15.58 1.97
CA PHE A 135 -0.94 15.39 2.34
C PHE A 135 -1.73 16.59 1.86
N GLU A 136 -2.74 16.37 1.02
CA GLU A 136 -3.66 17.44 0.56
C GLU A 136 -2.91 18.66 -0.01
N GLY A 137 -1.92 18.38 -0.85
CA GLY A 137 -1.21 19.42 -1.60
C GLY A 137 0.08 19.98 -1.04
N LYS A 138 0.41 19.70 0.24
CA LYS A 138 1.66 20.21 0.80
C LYS A 138 2.25 19.18 1.76
N TYR A 139 3.48 19.42 2.22
CA TYR A 139 4.15 18.55 3.19
C TYR A 139 3.88 19.01 4.61
N GLY A 140 3.57 18.04 5.49
CA GLY A 140 3.32 18.33 6.90
C GLY A 140 3.80 17.19 7.78
N GLY A 141 4.16 17.53 9.02
CA GLY A 141 4.65 16.58 10.01
C GLY A 141 3.52 15.78 10.65
N MET A 142 3.85 14.88 11.58
CA MET A 142 2.79 14.06 12.19
C MET A 142 1.83 14.91 13.02
N GLU A 143 2.24 16.13 13.41
CA GLU A 143 1.36 17.02 14.19
C GLU A 143 0.12 17.44 13.36
N LEU A 144 0.16 17.26 12.02
CA LEU A 144 -0.98 17.57 11.17
C LEU A 144 -2.20 16.69 11.51
N PHE A 145 -1.93 15.49 12.02
CA PHE A 145 -2.95 14.46 12.26
C PHE A 145 -3.43 14.36 13.69
N ARG A 146 -3.08 15.33 14.51
CA ARG A 146 -3.37 15.25 15.94
C ARG A 146 -4.86 15.12 16.28
N ALA A 147 -5.77 15.64 15.43
CA ALA A 147 -7.20 15.51 15.69
C ALA A 147 -7.75 14.09 15.61
N LEU A 148 -7.01 13.18 14.95
CA LEU A 148 -7.49 11.81 14.81
C LEU A 148 -7.54 11.08 16.14
N GLY A 149 -6.66 11.42 17.07
CA GLY A 149 -6.61 10.69 18.34
C GLY A 149 -6.12 9.27 18.17
N CYS A 150 -5.10 9.08 17.30
CA CYS A 150 -4.43 7.79 17.17
C CYS A 150 -2.92 8.09 16.96
N SER A 151 -2.34 8.85 17.92
CA SER A 151 -0.95 9.31 17.83
C SER A 151 0.02 8.17 17.69
N GLU A 152 -0.20 7.00 18.39
CA GLU A 152 0.78 5.90 18.25
C GLU A 152 0.78 5.35 16.84
N LEU A 153 -0.43 5.20 16.25
CA LEU A 153 -0.52 4.67 14.89
C LEU A 153 0.16 5.65 13.92
N ILE A 154 -0.09 6.97 14.06
CA ILE A 154 0.55 7.93 13.13
C ILE A 154 2.05 7.90 13.29
N SER A 155 2.53 7.86 14.55
CA SER A 155 3.96 7.83 14.78
C SER A 155 4.54 6.54 14.20
N SER A 156 3.81 5.41 14.29
CA SER A 156 4.30 4.13 13.74
C SER A 156 4.41 4.18 12.20
N ILE A 157 3.43 4.84 11.56
CA ILE A 157 3.41 4.97 10.09
C ILE A 157 4.60 5.87 9.67
N PHE A 158 4.83 6.99 10.39
CA PHE A 158 5.95 7.87 10.07
C PHE A 158 7.27 7.14 10.25
N ASP A 159 7.42 6.37 11.36
CA ASP A 159 8.67 5.61 11.59
C ASP A 159 8.90 4.60 10.49
N PHE A 160 7.81 3.95 10.03
CA PHE A 160 7.91 2.98 8.96
C PHE A 160 8.40 3.63 7.65
N SER A 161 7.81 4.77 7.29
CA SER A 161 8.25 5.50 6.10
C SER A 161 9.67 5.95 6.24
N HIS A 162 10.07 6.38 7.45
CA HIS A 162 11.44 6.84 7.70
C HIS A 162 12.41 5.68 7.45
N SER A 163 12.08 4.49 7.97
CA SER A 163 12.92 3.30 7.81
C SER A 163 13.03 2.89 6.34
N LEU A 164 11.92 2.96 5.58
CA LEU A 164 11.99 2.60 4.17
C LEU A 164 12.77 3.67 3.39
N SER A 165 12.61 4.96 3.77
CA SER A 165 13.34 6.06 3.12
C SER A 165 14.87 5.88 3.19
N ALA A 166 15.35 5.30 4.30
CA ALA A 166 16.78 5.03 4.55
C ALA A 166 17.34 4.01 3.55
N LEU A 167 16.47 3.25 2.87
CA LEU A 167 16.89 2.25 1.88
C LEU A 167 17.12 2.85 0.51
N HIS A 168 16.63 4.08 0.28
CA HIS A 168 16.81 4.79 -0.99
C HIS A 168 16.32 3.92 -2.16
N PHE A 169 15.08 3.43 -2.05
CA PHE A 169 14.49 2.61 -3.07
C PHE A 169 14.40 3.32 -4.41
N SER A 170 14.64 2.57 -5.50
CA SER A 170 14.35 3.08 -6.84
C SER A 170 12.87 2.75 -7.08
N GLU A 171 12.26 3.33 -8.14
CA GLU A 171 10.89 3.02 -8.52
C GLU A 171 10.74 1.53 -8.87
N ASP A 172 11.72 0.96 -9.60
CA ASP A 172 11.70 -0.46 -9.96
C ASP A 172 11.79 -1.35 -8.72
N GLU A 173 12.60 -0.98 -7.70
CA GLU A 173 12.67 -1.80 -6.48
C GLU A 173 11.30 -1.78 -5.77
N ILE A 174 10.65 -0.60 -5.71
CA ILE A 174 9.29 -0.52 -5.08
C ILE A 174 8.30 -1.38 -5.84
N ALA A 175 8.36 -1.34 -7.18
CA ALA A 175 7.48 -2.15 -8.01
C ALA A 175 7.60 -3.63 -7.64
N LEU A 176 8.85 -4.14 -7.63
CA LEU A 176 9.07 -5.55 -7.37
C LEU A 176 8.79 -5.94 -5.93
N TYR A 177 9.17 -5.09 -4.98
CA TYR A 177 8.92 -5.38 -3.58
C TYR A 177 7.40 -5.38 -3.32
N THR A 178 6.66 -4.39 -3.88
CA THR A 178 5.20 -4.37 -3.63
C THR A 178 4.47 -5.52 -4.32
N ALA A 179 4.96 -5.99 -5.50
CA ALA A 179 4.33 -7.13 -6.11
C ALA A 179 4.40 -8.32 -5.17
N LEU A 180 5.60 -8.51 -4.54
CA LEU A 180 5.80 -9.60 -3.57
C LEU A 180 4.97 -9.40 -2.28
N VAL A 181 4.81 -8.14 -1.81
CA VAL A 181 3.95 -7.89 -0.63
C VAL A 181 2.54 -8.41 -0.93
N LEU A 182 2.06 -8.15 -2.16
CA LEU A 182 0.71 -8.57 -2.54
C LEU A 182 0.57 -10.08 -2.74
N ILE A 183 1.54 -10.68 -3.48
CA ILE A 183 1.44 -12.10 -3.79
C ILE A 183 2.10 -12.93 -2.74
N ASN A 184 1.33 -13.16 -1.66
CA ASN A 184 1.79 -13.84 -0.46
C ASN A 184 0.95 -15.11 -0.30
N ALA A 185 1.58 -16.28 -0.50
CA ALA A 185 0.84 -17.53 -0.47
C ALA A 185 0.45 -17.97 0.94
N HIS A 186 0.90 -17.23 1.96
CA HIS A 186 0.57 -17.55 3.35
C HIS A 186 -0.74 -16.93 3.82
N ARG A 187 -1.36 -16.03 3.00
CA ARG A 187 -2.60 -15.40 3.44
C ARG A 187 -3.67 -16.43 3.74
N PRO A 188 -4.26 -16.38 4.94
CA PRO A 188 -5.35 -17.35 5.24
C PRO A 188 -6.53 -17.13 4.32
N GLY A 189 -7.12 -18.22 3.82
CA GLY A 189 -8.30 -18.18 2.99
C GLY A 189 -8.05 -18.49 1.53
N LEU A 190 -6.77 -18.66 1.13
CA LEU A 190 -6.49 -18.95 -0.29
C LEU A 190 -6.89 -20.35 -0.62
N GLN A 191 -7.65 -20.49 -1.69
CA GLN A 191 -8.14 -21.80 -2.17
C GLN A 191 -7.09 -22.46 -3.04
N GLU A 192 -6.45 -21.68 -3.95
CA GLU A 192 -5.42 -22.22 -4.86
C GLU A 192 -4.03 -21.81 -4.37
N LYS A 193 -3.71 -22.23 -3.16
CA LYS A 193 -2.45 -21.93 -2.50
C LYS A 193 -1.21 -22.31 -3.33
N ARG A 194 -1.19 -23.50 -3.95
CA ARG A 194 -0.02 -23.93 -4.75
C ARG A 194 0.21 -23.00 -5.96
N LYS A 195 -0.88 -22.50 -6.59
CA LYS A 195 -0.74 -21.55 -7.73
C LYS A 195 -0.13 -20.25 -7.20
N VAL A 196 -0.63 -19.77 -6.04
CA VAL A 196 -0.06 -18.55 -5.46
C VAL A 196 1.40 -18.75 -5.04
N GLU A 197 1.74 -19.93 -4.48
CA GLU A 197 3.13 -20.20 -4.09
C GLU A 197 4.08 -20.09 -5.29
N GLN A 198 3.67 -20.64 -6.44
CA GLN A 198 4.53 -20.60 -7.62
C GLN A 198 4.63 -19.17 -8.18
N LEU A 199 3.50 -18.44 -8.23
CA LEU A 199 3.57 -17.03 -8.69
C LEU A 199 4.50 -16.23 -7.74
N GLN A 200 4.38 -16.45 -6.40
CA GLN A 200 5.21 -15.76 -5.43
C GLN A 200 6.70 -16.10 -5.65
N TYR A 201 7.00 -17.39 -5.88
CA TYR A 201 8.38 -17.84 -6.12
C TYR A 201 8.96 -17.09 -7.34
N ASN A 202 8.19 -17.00 -8.43
CA ASN A 202 8.69 -16.31 -9.63
C ASN A 202 8.84 -14.82 -9.43
N LEU A 203 7.91 -14.19 -8.67
CA LEU A 203 8.05 -12.78 -8.38
C LEU A 203 9.24 -12.52 -7.42
N GLU A 204 9.53 -13.48 -6.53
CA GLU A 204 10.68 -13.38 -5.61
C GLU A 204 11.98 -13.43 -6.49
N LEU A 205 12.01 -14.34 -7.47
CA LEU A 205 13.14 -14.49 -8.40
C LEU A 205 13.29 -13.22 -9.19
N ALA A 206 12.17 -12.62 -9.67
CA ALA A 206 12.26 -11.38 -10.44
C ALA A 206 12.90 -10.29 -9.60
N PHE A 207 12.39 -10.10 -8.36
CA PHE A 207 12.92 -9.08 -7.47
C PHE A 207 14.40 -9.34 -7.18
N HIS A 208 14.76 -10.54 -6.78
CA HIS A 208 16.15 -10.89 -6.42
C HIS A 208 17.07 -10.81 -7.64
N HIS A 209 16.57 -11.19 -8.82
CA HIS A 209 17.34 -11.07 -10.08
C HIS A 209 17.67 -9.60 -10.33
N HIS A 210 16.66 -8.72 -10.18
CA HIS A 210 16.87 -7.31 -10.41
C HIS A 210 17.89 -6.74 -9.42
N LEU A 211 17.79 -7.13 -8.12
CA LEU A 211 18.75 -6.68 -7.12
C LEU A 211 20.16 -7.18 -7.46
N CYS A 212 20.26 -8.42 -7.93
CA CYS A 212 21.56 -9.00 -8.31
C CYS A 212 22.19 -8.21 -9.44
N LYS A 213 21.40 -7.97 -10.49
CA LYS A 213 21.84 -7.24 -11.69
C LYS A 213 22.28 -5.82 -11.40
N THR A 214 21.63 -5.15 -10.42
CA THR A 214 21.87 -3.75 -10.09
C THR A 214 22.77 -3.58 -8.86
N HIS A 215 23.37 -4.70 -8.37
CA HIS A 215 24.30 -4.71 -7.22
C HIS A 215 23.64 -4.09 -5.97
N ARG A 216 22.38 -4.51 -5.75
CA ARG A 216 21.57 -4.00 -4.65
C ARG A 216 21.06 -5.09 -3.73
N GLN A 217 21.71 -6.28 -3.75
CA GLN A 217 21.32 -7.40 -2.87
C GLN A 217 21.41 -7.07 -1.39
N SER A 218 22.27 -6.10 -1.01
CA SER A 218 22.42 -5.70 0.39
C SER A 218 21.12 -5.15 1.00
N ILE A 219 20.11 -4.77 0.18
CA ILE A 219 18.86 -4.25 0.79
C ILE A 219 18.01 -5.38 1.40
N LEU A 220 18.20 -6.63 0.95
CA LEU A 220 17.36 -7.75 1.39
C LEU A 220 17.34 -7.94 2.90
N ALA A 221 18.54 -7.93 3.55
CA ALA A 221 18.62 -8.07 5.01
C ALA A 221 18.09 -6.85 5.74
N LYS A 222 17.91 -5.72 5.02
CA LYS A 222 17.44 -4.45 5.59
C LYS A 222 15.93 -4.23 5.43
N LEU A 223 15.26 -5.11 4.66
CA LEU A 223 13.82 -4.94 4.46
C LEU A 223 13.09 -5.21 5.78
N PRO A 224 11.98 -4.54 6.03
CA PRO A 224 11.27 -4.81 7.30
C PRO A 224 10.74 -6.24 7.40
N PRO A 225 10.65 -6.83 8.60
CA PRO A 225 10.00 -8.16 8.72
C PRO A 225 8.50 -8.07 8.42
N LYS A 226 7.85 -9.16 7.90
CA LYS A 226 6.40 -9.21 7.59
C LYS A 226 5.55 -8.78 8.80
N GLY A 227 6.00 -9.20 9.99
CA GLY A 227 5.32 -8.85 11.24
C GLY A 227 5.14 -7.35 11.44
N LYS A 228 6.05 -6.54 10.85
CA LYS A 228 5.98 -5.08 10.96
C LYS A 228 4.78 -4.54 10.12
N LEU A 229 4.64 -5.01 8.89
CA LEU A 229 3.51 -4.57 8.07
C LEU A 229 2.19 -5.04 8.73
N ARG A 230 2.21 -6.27 9.26
CA ARG A 230 1.02 -6.84 9.92
C ARG A 230 0.65 -5.99 11.12
N SER A 231 1.63 -5.60 11.93
CA SER A 231 1.41 -4.79 13.12
C SER A 231 0.76 -3.44 12.77
N LEU A 232 1.26 -2.77 11.70
CA LEU A 232 0.66 -1.52 11.25
C LEU A 232 -0.79 -1.70 10.82
N CYS A 233 -1.07 -2.78 10.05
CA CYS A 233 -2.43 -3.07 9.60
C CYS A 233 -3.36 -3.36 10.76
N SER A 234 -2.87 -4.11 11.76
CA SER A 234 -3.65 -4.44 12.95
C SER A 234 -3.95 -3.16 13.76
N GLN A 235 -2.93 -2.29 13.94
CA GLN A 235 -3.15 -1.04 14.66
C GLN A 235 -4.22 -0.21 13.97
N HIS A 236 -4.15 -0.11 12.62
CA HIS A 236 -5.16 0.70 11.88
C HIS A 236 -6.57 0.15 12.18
N VAL A 237 -6.75 -1.18 12.06
CA VAL A 237 -8.08 -1.78 12.29
C VAL A 237 -8.55 -1.54 13.73
N GLU A 238 -7.63 -1.65 14.72
CA GLU A 238 -7.95 -1.42 16.10
C GLU A 238 -8.39 0.02 16.35
N ARG A 239 -7.65 1.01 15.77
CA ARG A 239 -8.00 2.42 15.98
C ARG A 239 -9.31 2.75 15.28
N LEU A 240 -9.54 2.12 14.10
CA LEU A 240 -10.80 2.33 13.39
C LEU A 240 -11.97 1.82 14.29
N GLN A 241 -11.82 0.65 14.91
CA GLN A 241 -12.90 0.11 15.77
C GLN A 241 -13.19 1.07 16.93
N ILE A 242 -12.15 1.71 17.50
CA ILE A 242 -12.35 2.68 18.58
C ILE A 242 -13.14 3.87 18.05
N PHE A 243 -12.76 4.39 16.86
CA PHE A 243 -13.42 5.55 16.31
C PHE A 243 -14.86 5.23 15.97
N GLN A 244 -15.09 4.05 15.38
CA GLN A 244 -16.42 3.61 14.97
C GLN A 244 -17.35 3.56 16.17
N HIS A 245 -16.85 3.15 17.34
CA HIS A 245 -17.65 3.10 18.56
C HIS A 245 -18.07 4.52 18.96
N LEU A 246 -17.16 5.51 18.79
CA LEU A 246 -17.44 6.93 19.09
C LEU A 246 -18.39 7.62 18.11
N HIS A 247 -18.24 7.34 16.79
CA HIS A 247 -18.98 8.00 15.72
C HIS A 247 -19.52 6.95 14.73
N PRO A 248 -20.41 6.04 15.19
CA PRO A 248 -20.90 4.97 14.29
C PRO A 248 -21.59 5.45 13.03
N ILE A 249 -22.34 6.56 13.12
CA ILE A 249 -23.06 7.03 11.94
C ILE A 249 -22.14 7.73 10.96
N VAL A 250 -21.01 8.28 11.45
CA VAL A 250 -20.03 8.85 10.52
C VAL A 250 -19.48 7.70 9.65
N VAL A 251 -19.12 6.56 10.29
CA VAL A 251 -18.62 5.42 9.51
C VAL A 251 -19.70 4.87 8.57
N GLN A 252 -20.92 4.75 9.08
CA GLN A 252 -22.00 4.21 8.27
C GLN A 252 -22.40 5.10 7.09
N ALA A 253 -22.48 6.41 7.34
CA ALA A 253 -22.95 7.35 6.35
C ALA A 253 -21.91 7.99 5.46
N ALA A 254 -20.69 8.20 5.99
CA ALA A 254 -19.72 9.00 5.27
C ALA A 254 -18.35 8.36 5.00
N PHE A 255 -18.13 7.11 5.43
CA PHE A 255 -16.88 6.44 5.08
C PHE A 255 -17.03 5.75 3.74
N PRO A 256 -15.95 5.67 2.96
CA PRO A 256 -16.10 5.07 1.64
C PRO A 256 -16.45 3.56 1.70
N PRO A 257 -17.35 3.08 0.84
CA PRO A 257 -17.74 1.66 0.86
C PRO A 257 -16.55 0.70 0.73
N LEU A 258 -15.56 1.01 -0.14
CA LEU A 258 -14.40 0.10 -0.29
C LEU A 258 -13.61 0.04 1.01
N TYR A 259 -13.46 1.19 1.70
CA TYR A 259 -12.74 1.22 2.97
C TYR A 259 -13.44 0.27 3.97
N LYS A 260 -14.77 0.34 4.06
CA LYS A 260 -15.51 -0.52 4.98
C LYS A 260 -15.39 -1.99 4.60
N GLU A 261 -15.39 -2.29 3.29
CA GLU A 261 -15.21 -3.68 2.82
C GLU A 261 -13.86 -4.23 3.29
N LEU A 262 -12.80 -3.41 3.23
CA LEU A 262 -11.47 -3.87 3.61
C LEU A 262 -11.19 -3.93 5.08
N PHE A 263 -11.74 -2.98 5.86
CA PHE A 263 -11.35 -2.78 7.25
C PHE A 263 -12.40 -2.94 8.33
N SER A 264 -13.67 -2.90 7.96
CA SER A 264 -14.72 -3.06 8.97
C SER A 264 -15.75 -4.09 8.53
N GLY A 265 -15.28 -5.08 7.77
CA GLY A 265 -16.08 -6.20 7.27
C GLY A 265 -17.34 -5.84 6.50
N GLY A 266 -17.28 -4.72 5.76
CA GLY A 266 -18.38 -4.23 4.94
C GLY A 266 -19.15 -3.08 5.57
N LYS B 1 -22.63 -4.21 4.64
CA LYS B 1 -22.49 -5.30 3.68
C LYS B 1 -21.89 -4.86 2.32
N HIS B 2 -21.13 -3.73 2.32
CA HIS B 2 -20.48 -3.13 1.15
C HIS B 2 -19.54 -4.08 0.43
N LYS B 3 -19.78 -4.33 -0.86
CA LYS B 3 -18.94 -5.19 -1.72
C LYS B 3 -18.58 -4.43 -3.01
N ILE B 4 -17.35 -3.90 -3.07
CA ILE B 4 -16.85 -3.05 -4.17
C ILE B 4 -15.73 -3.75 -4.94
N LEU B 5 -14.89 -4.50 -4.25
CA LEU B 5 -13.78 -5.19 -4.88
C LEU B 5 -14.22 -6.03 -6.06
N HIS B 6 -15.32 -6.80 -5.92
CA HIS B 6 -15.81 -7.63 -7.02
C HIS B 6 -16.14 -6.78 -8.24
N ARG B 7 -16.68 -5.56 -8.05
CA ARG B 7 -17.00 -4.65 -9.16
C ARG B 7 -15.72 -4.15 -9.83
N LEU B 8 -14.73 -3.71 -9.03
CA LEU B 8 -13.44 -3.23 -9.54
C LEU B 8 -12.71 -4.31 -10.32
N LEU B 9 -12.75 -5.55 -9.80
CA LEU B 9 -12.08 -6.69 -10.43
C LEU B 9 -12.72 -7.08 -11.75
N GLN B 10 -14.06 -6.97 -11.85
CA GLN B 10 -14.83 -7.38 -13.03
C GLN B 10 -15.00 -6.26 -14.05
N ASP B 11 -14.59 -5.02 -13.73
CA ASP B 11 -14.76 -3.90 -14.64
C ASP B 11 -13.58 -3.73 -15.60
N SER B 12 -13.85 -3.84 -16.91
CA SER B 12 -12.85 -3.72 -17.98
C SER B 12 -13.28 -2.70 -19.05
#